data_8S31
#
_entry.id   8S31
#
_cell.length_a   67.147
_cell.length_b   67.147
_cell.length_c   254.536
_cell.angle_alpha   90.000
_cell.angle_beta   90.000
_cell.angle_gamma   120.000
#
_symmetry.space_group_name_H-M   'P 32 2 1'
#
loop_
_entity.id
_entity.type
_entity.pdbx_description
1 polymer 'Serine/threonine-protein kinase PLK1'
2 polymer 'Mis18-binding protein 1'
3 water water
#
loop_
_entity_poly.entity_id
_entity_poly.type
_entity_poly.pdbx_seq_one_letter_code
_entity_poly.pdbx_strand_id
1 'polypeptide(L)'
;RSMETGEVVDCHLSDMLQQLHSVNASKPSERGLVRQEEAEDPACIPIFWVSKWVDYSDKYGLGYQLCDNSVGVLFNDSTR
LILYNDGDSLQYIERDGTESYLTVSSHPNSLMKKITLLKYFRNYMSEHLLKAGANITPREGDELARLPYLRTWFRTRSAI
ILHLSNGSVQINFFQDHTKLILCPLMAAVTYIDEKRDFRTYRLSLLEEYGCCKELASRLRYARTMVDKLLSSRSASNRLK
AS
;
A,B
2 'polypeptide(L)' KNIFQS(TPO)MLTE C,D
#
# COMPACT_ATOMS: atom_id res chain seq x y z
N GLU A 7 9.66 15.58 -27.83
CA GLU A 7 10.35 15.24 -26.59
C GLU A 7 10.53 16.46 -25.67
N VAL A 8 10.27 16.25 -24.39
CA VAL A 8 10.61 17.21 -23.35
C VAL A 8 11.97 16.78 -22.76
N VAL A 9 12.69 15.89 -23.46
CA VAL A 9 13.98 15.40 -22.95
C VAL A 9 14.98 16.54 -22.87
N ASP A 10 15.12 17.29 -23.95
CA ASP A 10 16.06 18.40 -23.96
C ASP A 10 15.60 19.52 -23.03
N CYS A 11 14.29 19.72 -22.96
CA CYS A 11 13.74 20.70 -22.03
C CYS A 11 14.10 20.33 -20.59
N HIS A 12 13.96 19.05 -20.23
CA HIS A 12 14.24 18.65 -18.86
C HIS A 12 15.72 18.75 -18.55
N LEU A 13 16.59 18.41 -19.51
CA LEU A 13 18.03 18.55 -19.29
C LEU A 13 18.41 20.01 -19.11
N SER A 14 17.84 20.91 -19.93
CA SER A 14 18.15 22.34 -19.76
C SER A 14 17.65 22.86 -18.42
N ASP A 15 16.44 22.45 -18.01
CA ASP A 15 15.94 22.80 -16.69
C ASP A 15 16.93 22.38 -15.61
N MET A 16 17.45 21.16 -15.72
CA MET A 16 18.41 20.69 -14.73
C MET A 16 19.69 21.52 -14.74
N LEU A 17 20.18 21.88 -15.92
CA LEU A 17 21.39 22.71 -15.99
C LEU A 17 21.16 24.08 -15.36
N GLN A 18 19.99 24.68 -15.62
CA GLN A 18 19.53 25.86 -14.87
C GLN A 18 19.60 25.70 -13.38
N GLN A 19 19.02 24.62 -12.87
CA GLN A 19 18.95 24.44 -11.43
C GLN A 19 20.33 24.24 -10.84
N LEU A 20 21.18 23.44 -11.52
CA LEU A 20 22.53 23.17 -11.03
C LEU A 20 23.42 24.40 -11.15
N HIS A 21 23.38 25.10 -12.28
CA HIS A 21 24.21 26.29 -12.45
C HIS A 21 23.94 27.32 -11.35
N SER A 22 22.67 27.57 -11.05
CA SER A 22 22.31 28.53 -10.02
C SER A 22 22.85 28.13 -8.65
N VAL A 23 22.72 26.86 -8.27
CA VAL A 23 23.25 26.40 -6.99
C VAL A 23 24.77 26.55 -6.99
N ASN A 24 25.42 26.04 -8.05
CA ASN A 24 26.88 26.06 -8.10
C ASN A 24 27.40 27.49 -8.16
N ALA A 25 26.72 28.38 -8.89
CA ALA A 25 27.18 29.76 -8.95
C ALA A 25 27.13 30.43 -7.59
N SER A 26 26.22 29.99 -6.71
CA SER A 26 26.09 30.62 -5.39
C SER A 26 27.19 30.20 -4.43
N LYS A 27 28.03 29.25 -4.85
CA LYS A 27 29.24 28.89 -4.10
C LYS A 27 28.79 28.37 -2.73
N PRO A 28 27.98 27.30 -2.68
CA PRO A 28 27.24 26.99 -1.44
C PRO A 28 28.06 26.46 -0.26
N SER A 29 29.25 25.90 -0.47
CA SER A 29 30.03 25.44 0.66
C SER A 29 30.87 26.56 1.26
N GLU A 30 30.75 27.75 0.68
CA GLU A 30 31.57 28.92 0.99
C GLU A 30 30.83 29.93 1.86
N ARG A 31 29.75 29.52 2.52
CA ARG A 31 29.04 30.43 3.40
C ARG A 31 29.75 30.55 4.75
N GLY A 32 29.37 31.60 5.48
CA GLY A 32 29.84 31.75 6.86
C GLY A 32 29.33 30.63 7.75
N LEU A 33 28.01 30.44 7.77
CA LEU A 33 27.34 29.38 8.51
C LEU A 33 26.50 28.58 7.53
N VAL A 34 26.79 27.30 7.39
CA VAL A 34 26.02 26.46 6.48
C VAL A 34 24.89 25.83 7.27
N ARG A 35 23.66 25.88 6.72
CA ARG A 35 22.49 25.34 7.39
C ARG A 35 21.77 24.39 6.44
N GLN A 36 22.51 23.37 6.02
CA GLN A 36 22.06 22.43 5.00
C GLN A 36 20.70 21.83 5.33
N GLU A 37 20.50 21.47 6.60
CA GLU A 37 19.27 20.82 7.02
C GLU A 37 18.02 21.67 6.74
N GLU A 38 18.19 22.99 6.60
CA GLU A 38 17.06 23.84 6.25
C GLU A 38 16.57 23.62 4.83
N ALA A 39 17.40 23.02 3.97
CA ALA A 39 16.99 22.77 2.60
C ALA A 39 16.33 21.42 2.42
N GLU A 40 16.29 20.57 3.44
CA GLU A 40 15.71 19.24 3.30
C GLU A 40 14.22 19.32 3.05
N ASP A 41 13.72 18.44 2.18
CA ASP A 41 12.29 18.28 1.98
C ASP A 41 12.01 16.81 1.70
N PRO A 42 11.63 16.03 2.73
CA PRO A 42 11.40 14.60 2.52
C PRO A 42 10.30 14.30 1.52
N ALA A 43 9.38 15.23 1.29
CA ALA A 43 8.33 15.00 0.32
C ALA A 43 8.82 15.06 -1.13
N CYS A 44 10.06 15.47 -1.38
CA CYS A 44 10.57 15.57 -2.74
C CYS A 44 11.32 14.32 -3.18
N ILE A 45 11.31 13.27 -2.37
CA ILE A 45 12.03 12.02 -2.70
C ILE A 45 11.53 11.48 -4.03
N PRO A 46 12.37 10.91 -4.88
CA PRO A 46 11.91 10.43 -6.19
C PRO A 46 10.96 9.24 -6.08
N ILE A 47 10.17 9.06 -7.14
CA ILE A 47 9.38 7.85 -7.28
C ILE A 47 10.28 6.68 -7.69
N PHE A 48 11.25 6.94 -8.56
CA PHE A 48 12.06 5.90 -9.16
C PHE A 48 13.53 6.26 -9.08
N TRP A 49 14.37 5.25 -8.88
CA TRP A 49 15.81 5.37 -9.08
C TRP A 49 16.34 4.00 -9.46
N VAL A 50 17.58 3.99 -9.96
CA VAL A 50 18.23 2.74 -10.33
C VAL A 50 18.83 2.12 -9.07
N SER A 51 18.37 0.92 -8.70
CA SER A 51 18.88 0.28 -7.50
C SER A 51 20.00 -0.73 -7.76
N LYS A 52 20.09 -1.28 -8.98
CA LYS A 52 21.19 -2.17 -9.37
C LYS A 52 21.46 -1.98 -10.85
N TRP A 53 22.68 -2.28 -11.28
CA TRP A 53 22.95 -2.23 -12.71
C TRP A 53 24.14 -3.12 -13.04
N VAL A 54 24.16 -3.61 -14.27
CA VAL A 54 25.29 -4.42 -14.73
C VAL A 54 25.57 -4.02 -16.16
N ASP A 55 26.77 -3.50 -16.39
CA ASP A 55 27.24 -3.08 -17.71
C ASP A 55 27.85 -4.29 -18.40
N TYR A 56 27.09 -4.91 -19.29
CA TYR A 56 27.60 -5.97 -20.16
C TYR A 56 27.55 -5.50 -21.61
N SER A 57 27.92 -4.23 -21.82
CA SER A 57 27.85 -3.61 -23.14
C SER A 57 28.83 -4.22 -24.13
N ASP A 58 29.84 -4.94 -23.66
CA ASP A 58 30.70 -5.67 -24.58
C ASP A 58 29.95 -6.76 -25.34
N LYS A 59 28.81 -7.23 -24.81
CA LYS A 59 28.04 -8.26 -25.49
C LYS A 59 26.58 -7.87 -25.74
N TYR A 60 25.88 -7.35 -24.73
CA TYR A 60 24.43 -7.17 -24.86
C TYR A 60 23.94 -5.76 -24.59
N GLY A 61 24.45 -5.09 -23.56
CA GLY A 61 23.98 -3.80 -23.17
C GLY A 61 24.02 -3.67 -21.67
N LEU A 62 23.20 -2.77 -21.16
CA LEU A 62 23.20 -2.41 -19.74
C LEU A 62 21.89 -2.89 -19.14
N GLY A 63 21.98 -3.82 -18.18
CA GLY A 63 20.82 -4.24 -17.41
C GLY A 63 20.74 -3.47 -16.09
N TYR A 64 19.51 -3.24 -15.62
CA TYR A 64 19.33 -2.48 -14.40
C TYR A 64 18.01 -2.88 -13.74
N GLN A 65 17.93 -2.59 -12.45
CA GLN A 65 16.70 -2.75 -11.68
C GLN A 65 16.33 -1.39 -11.12
N LEU A 66 15.05 -1.05 -11.13
CA LEU A 66 14.58 0.15 -10.45
C LEU A 66 14.09 -0.23 -9.06
N CYS A 67 13.95 0.80 -8.21
CA CYS A 67 13.64 0.57 -6.80
C CYS A 67 12.29 -0.13 -6.59
N ASP A 68 11.39 -0.11 -7.58
CA ASP A 68 10.12 -0.84 -7.45
C ASP A 68 10.23 -2.32 -7.82
N ASN A 69 11.45 -2.82 -8.04
CA ASN A 69 11.78 -4.20 -8.42
C ASN A 69 11.42 -4.53 -9.87
N SER A 70 11.01 -3.54 -10.66
CA SER A 70 10.99 -3.74 -12.10
C SER A 70 12.43 -3.85 -12.62
N VAL A 71 12.58 -4.48 -13.78
CA VAL A 71 13.88 -4.68 -14.40
C VAL A 71 13.85 -4.09 -15.80
N GLY A 72 15.00 -3.66 -16.30
CA GLY A 72 15.09 -3.18 -17.66
C GLY A 72 16.44 -3.47 -18.25
N VAL A 73 16.54 -3.36 -19.59
CA VAL A 73 17.80 -3.45 -20.30
C VAL A 73 17.83 -2.37 -21.38
N LEU A 74 18.93 -1.61 -21.45
CA LEU A 74 19.22 -0.77 -22.61
C LEU A 74 20.18 -1.57 -23.47
N PHE A 75 19.67 -2.13 -24.56
CA PHE A 75 20.47 -2.97 -25.43
C PHE A 75 21.42 -2.11 -26.27
N ASN A 76 22.45 -2.76 -26.82
CA ASN A 76 23.45 -2.08 -27.62
C ASN A 76 22.89 -1.46 -28.90
N ASP A 77 21.74 -1.92 -29.39
CA ASP A 77 21.09 -1.28 -30.53
C ASP A 77 20.19 -0.11 -30.12
N SER A 78 20.32 0.38 -28.87
CA SER A 78 19.59 1.53 -28.34
C SER A 78 18.09 1.28 -28.17
N THR A 79 17.62 0.03 -28.13
CA THR A 79 16.25 -0.26 -27.74
C THR A 79 16.21 -0.66 -26.27
N ARG A 80 15.02 -0.57 -25.67
CA ARG A 80 14.85 -0.87 -24.26
C ARG A 80 13.73 -1.88 -24.07
N LEU A 81 13.94 -2.81 -23.14
CA LEU A 81 12.89 -3.72 -22.73
C LEU A 81 12.72 -3.61 -21.22
N ILE A 82 11.49 -3.46 -20.78
CA ILE A 82 11.15 -3.29 -19.37
C ILE A 82 10.25 -4.45 -18.96
N LEU A 83 10.55 -5.05 -17.81
CA LEU A 83 9.69 -6.07 -17.22
C LEU A 83 9.15 -5.50 -15.91
N TYR A 84 7.84 -5.28 -15.84
CA TYR A 84 7.24 -4.70 -14.65
C TYR A 84 7.39 -5.65 -13.46
N ASN A 85 7.16 -5.11 -12.25
CA ASN A 85 7.42 -5.92 -11.08
C ASN A 85 6.37 -7.00 -10.86
N ASP A 86 5.36 -7.12 -11.74
CA ASP A 86 4.49 -8.30 -11.68
C ASP A 86 5.15 -9.52 -12.33
N GLY A 87 6.34 -9.38 -12.89
CA GLY A 87 7.04 -10.48 -13.51
C GLY A 87 6.41 -10.98 -14.79
N ASP A 88 5.46 -10.24 -15.37
CA ASP A 88 4.67 -10.74 -16.49
C ASP A 88 4.50 -9.73 -17.62
N SER A 89 4.27 -8.47 -17.29
CA SER A 89 4.05 -7.43 -18.30
C SER A 89 5.37 -6.85 -18.76
N LEU A 90 5.45 -6.55 -20.06
CA LEU A 90 6.63 -5.92 -20.61
C LEU A 90 6.26 -4.70 -21.45
N GLN A 91 7.21 -3.78 -21.57
CA GLN A 91 7.11 -2.66 -22.50
C GLN A 91 8.40 -2.63 -23.29
N TYR A 92 8.28 -2.45 -24.60
CA TYR A 92 9.42 -2.34 -25.50
C TYR A 92 9.47 -0.92 -26.05
N ILE A 93 10.65 -0.33 -26.05
CA ILE A 93 10.86 1.02 -26.55
C ILE A 93 11.92 0.95 -27.63
N GLU A 94 11.56 1.39 -28.83
CA GLU A 94 12.42 1.36 -29.99
C GLU A 94 13.44 2.50 -29.93
N ARG A 95 14.42 2.44 -30.83
CA ARG A 95 15.42 3.49 -30.91
C ARG A 95 14.78 4.88 -30.96
N ASP A 96 13.73 5.05 -31.77
CA ASP A 96 13.05 6.33 -31.88
C ASP A 96 11.98 6.57 -30.80
N GLY A 97 11.98 5.80 -29.71
CA GLY A 97 11.02 6.03 -28.64
C GLY A 97 9.65 5.44 -28.82
N THR A 98 9.36 4.79 -29.95
CA THR A 98 8.04 4.18 -30.13
C THR A 98 7.84 3.06 -29.12
N GLU A 99 6.73 3.12 -28.39
CA GLU A 99 6.47 2.21 -27.28
C GLU A 99 5.41 1.18 -27.65
N SER A 100 5.64 -0.05 -27.23
CA SER A 100 4.68 -1.14 -27.43
C SER A 100 4.66 -2.00 -26.17
N TYR A 101 3.55 -2.73 -26.00
CA TYR A 101 3.28 -3.47 -24.78
C TYR A 101 3.06 -4.95 -25.06
N LEU A 102 3.57 -5.79 -24.16
CA LEU A 102 3.54 -7.22 -24.40
C LEU A 102 3.57 -7.92 -23.05
N THR A 103 3.62 -9.25 -23.09
CA THR A 103 3.75 -10.08 -21.90
C THR A 103 4.73 -11.21 -22.19
N VAL A 104 5.06 -11.95 -21.14
CA VAL A 104 5.94 -13.11 -21.31
C VAL A 104 5.28 -14.18 -22.16
N SER A 105 3.94 -14.23 -22.23
CA SER A 105 3.27 -15.22 -23.04
C SER A 105 2.74 -14.67 -24.37
N SER A 106 2.86 -13.37 -24.62
CA SER A 106 2.34 -12.74 -25.83
C SER A 106 3.32 -11.69 -26.31
N HIS A 107 4.15 -12.06 -27.29
CA HIS A 107 5.19 -11.16 -27.79
C HIS A 107 5.54 -11.57 -29.20
N PRO A 108 6.03 -10.64 -30.01
CA PRO A 108 6.51 -11.03 -31.35
C PRO A 108 7.74 -11.93 -31.26
N ASN A 109 7.90 -12.76 -32.28
CA ASN A 109 9.10 -13.59 -32.35
C ASN A 109 10.36 -12.73 -32.30
N SER A 110 10.31 -11.50 -32.82
CA SER A 110 11.47 -10.62 -32.89
C SER A 110 11.99 -10.23 -31.50
N LEU A 111 11.23 -10.42 -30.43
CA LEU A 111 11.67 -10.05 -29.08
C LEU A 111 12.08 -11.24 -28.22
N MET A 112 12.04 -12.47 -28.74
CA MET A 112 12.30 -13.65 -27.90
C MET A 112 13.71 -13.63 -27.33
N LYS A 113 14.71 -13.33 -28.16
CA LYS A 113 16.09 -13.27 -27.67
C LYS A 113 16.23 -12.20 -26.60
N LYS A 114 15.65 -11.02 -26.84
CA LYS A 114 15.78 -9.90 -25.91
C LYS A 114 15.05 -10.18 -24.60
N ILE A 115 13.91 -10.89 -24.66
CA ILE A 115 13.26 -11.27 -23.41
C ILE A 115 14.13 -12.25 -22.62
N THR A 116 14.74 -13.21 -23.32
CA THR A 116 15.62 -14.15 -22.63
C THR A 116 16.80 -13.43 -22.00
N LEU A 117 17.42 -12.50 -22.73
CA LEU A 117 18.52 -11.71 -22.18
C LEU A 117 18.10 -10.98 -20.91
N LEU A 118 16.91 -10.35 -20.94
CA LEU A 118 16.41 -9.68 -19.73
C LEU A 118 16.29 -10.65 -18.56
N LYS A 119 15.82 -11.88 -18.83
CA LYS A 119 15.72 -12.85 -17.75
C LYS A 119 17.08 -13.19 -17.15
N TYR A 120 18.12 -13.31 -18.00
CA TYR A 120 19.44 -13.59 -17.48
C TYR A 120 19.97 -12.41 -16.67
N PHE A 121 19.75 -11.19 -17.14
CA PHE A 121 20.12 -10.01 -16.35
C PHE A 121 19.37 -9.99 -15.02
N ARG A 122 18.05 -10.25 -15.04
CA ARG A 122 17.26 -10.25 -13.82
C ARG A 122 17.84 -11.19 -12.79
N ASN A 123 18.16 -12.41 -13.21
CA ASN A 123 18.73 -13.40 -12.32
C ASN A 123 20.10 -12.96 -11.82
N TYR A 124 20.94 -12.43 -12.71
CA TYR A 124 22.28 -12.01 -12.29
C TYR A 124 22.19 -10.97 -11.18
N MET A 125 21.29 -10.00 -11.35
CA MET A 125 21.17 -8.90 -10.40
C MET A 125 20.64 -9.37 -9.06
N SER A 126 19.64 -10.26 -9.10
CA SER A 126 19.07 -10.83 -7.88
C SER A 126 20.12 -11.59 -7.06
N GLU A 127 20.93 -12.42 -7.71
CA GLU A 127 21.87 -13.27 -6.96
C GLU A 127 23.10 -12.54 -6.47
N HIS A 128 23.51 -11.45 -7.12
CA HIS A 128 24.82 -10.88 -6.85
C HIS A 128 24.84 -9.45 -6.33
N LEU A 129 23.80 -8.64 -6.59
CA LEU A 129 23.92 -7.20 -6.41
C LEU A 129 23.06 -6.70 -5.25
N LEU A 130 23.60 -5.74 -4.52
CA LEU A 130 22.91 -5.14 -3.38
C LEU A 130 21.97 -4.06 -3.89
N LYS A 131 20.83 -3.92 -3.22
CA LYS A 131 19.82 -2.96 -3.67
C LYS A 131 20.13 -1.58 -3.10
N ALA A 132 20.48 -0.63 -3.97
CA ALA A 132 20.73 0.73 -3.50
C ALA A 132 19.42 1.41 -3.09
N GLY A 133 19.46 2.15 -1.97
CA GLY A 133 18.26 2.79 -1.48
C GLY A 133 17.27 1.85 -0.86
N ALA A 134 17.71 0.68 -0.41
CA ALA A 134 16.80 -0.28 0.18
C ALA A 134 16.10 0.27 1.43
N ASN A 135 16.72 1.23 2.12
CA ASN A 135 16.13 1.87 3.28
C ASN A 135 15.32 3.12 2.93
N ILE A 136 15.03 3.37 1.65
CA ILE A 136 14.28 4.56 1.25
C ILE A 136 12.89 4.13 0.80
N THR A 137 11.87 4.75 1.38
CA THR A 137 10.52 4.59 0.86
C THR A 137 10.33 5.53 -0.33
N PRO A 138 10.10 5.01 -1.54
CA PRO A 138 9.93 5.89 -2.69
C PRO A 138 8.67 6.73 -2.56
N ARG A 139 8.69 7.90 -3.20
CA ARG A 139 7.49 8.70 -3.29
C ARG A 139 6.36 7.89 -3.94
N GLU A 140 5.15 8.10 -3.43
CA GLU A 140 3.94 7.58 -4.03
C GLU A 140 3.78 8.04 -5.47
N GLY A 141 3.56 7.11 -6.40
CA GLY A 141 3.28 7.50 -7.77
C GLY A 141 1.84 7.93 -7.97
N ASP A 142 1.60 8.78 -8.97
CA ASP A 142 0.21 9.09 -9.35
C ASP A 142 0.02 8.98 -10.87
N GLU A 143 -1.17 9.36 -11.34
CA GLU A 143 -1.49 9.25 -12.76
C GLU A 143 -0.61 10.11 -13.65
N LEU A 144 0.05 11.13 -13.13
CA LEU A 144 0.88 11.96 -14.00
C LEU A 144 2.23 11.33 -14.28
N ALA A 145 2.62 10.32 -13.51
CA ALA A 145 3.92 9.68 -13.64
C ALA A 145 3.80 8.30 -14.28
N ARG A 146 4.82 7.94 -15.04
CA ARG A 146 4.90 6.63 -15.68
C ARG A 146 6.23 5.99 -15.30
N LEU A 147 6.25 4.66 -15.22
CA LEU A 147 7.50 3.95 -14.98
C LEU A 147 8.50 4.30 -16.08
N PRO A 148 9.69 4.79 -15.75
CA PRO A 148 10.61 5.23 -16.80
C PRO A 148 11.49 4.10 -17.33
N TYR A 149 12.10 4.36 -18.47
CA TYR A 149 13.16 3.52 -19.00
C TYR A 149 14.48 4.28 -18.98
N LEU A 150 15.56 3.52 -19.13
CA LEU A 150 16.89 4.10 -19.19
C LEU A 150 17.09 4.72 -20.57
N ARG A 151 17.16 6.06 -20.62
CA ARG A 151 17.35 6.69 -21.91
C ARG A 151 18.76 6.45 -22.44
N THR A 152 19.76 6.73 -21.61
CA THR A 152 21.15 6.46 -21.94
C THR A 152 21.97 6.45 -20.65
N TRP A 153 23.24 6.05 -20.79
CA TRP A 153 24.15 5.97 -19.66
C TRP A 153 25.57 6.11 -20.19
N PHE A 154 26.49 6.51 -19.31
CA PHE A 154 27.91 6.41 -19.59
C PHE A 154 28.65 6.29 -18.26
N ARG A 155 29.87 5.79 -18.34
CA ARG A 155 30.77 5.63 -17.20
C ARG A 155 31.97 6.54 -17.41
N THR A 156 32.31 7.32 -16.38
CA THR A 156 33.59 8.00 -16.34
C THR A 156 34.54 7.21 -15.44
N ARG A 157 35.73 7.76 -15.23
CA ARG A 157 36.68 7.12 -14.32
C ARG A 157 36.14 7.05 -12.89
N SER A 158 35.25 7.97 -12.52
CA SER A 158 34.81 8.10 -11.14
C SER A 158 33.34 7.78 -10.91
N ALA A 159 32.54 7.59 -11.96
CA ALA A 159 31.11 7.44 -11.71
C ALA A 159 30.43 6.82 -12.92
N ILE A 160 29.22 6.33 -12.68
CA ILE A 160 28.29 5.96 -13.74
C ILE A 160 27.16 6.97 -13.71
N ILE A 161 26.76 7.43 -14.90
CA ILE A 161 25.74 8.45 -15.06
C ILE A 161 24.57 7.78 -15.75
N LEU A 162 23.38 7.86 -15.15
CA LEU A 162 22.19 7.17 -15.63
C LEU A 162 21.08 8.19 -15.88
N HIS A 163 20.59 8.23 -17.13
CA HIS A 163 19.60 9.22 -17.57
C HIS A 163 18.29 8.50 -17.84
N LEU A 164 17.29 8.79 -17.02
CA LEU A 164 16.00 8.12 -17.08
C LEU A 164 15.03 8.93 -17.94
N SER A 165 14.03 8.24 -18.48
CA SER A 165 13.09 8.83 -19.40
C SER A 165 12.09 9.75 -18.71
N ASN A 166 12.08 9.83 -17.38
CA ASN A 166 11.24 10.83 -16.72
C ASN A 166 11.99 12.12 -16.39
N GLY A 167 13.21 12.29 -16.92
CA GLY A 167 14.00 13.49 -16.67
C GLY A 167 15.01 13.34 -15.55
N SER A 168 14.88 12.31 -14.73
CA SER A 168 15.80 12.13 -13.60
C SER A 168 17.17 11.74 -14.11
N VAL A 169 18.21 12.23 -13.42
CA VAL A 169 19.59 11.83 -13.69
C VAL A 169 20.19 11.28 -12.40
N GLN A 170 20.78 10.10 -12.47
CA GLN A 170 21.39 9.46 -11.32
C GLN A 170 22.89 9.34 -11.55
N ILE A 171 23.67 9.59 -10.50
CA ILE A 171 25.12 9.51 -10.55
C ILE A 171 25.57 8.70 -9.34
N ASN A 172 26.20 7.55 -9.59
CA ASN A 172 26.74 6.67 -8.56
C ASN A 172 28.24 6.80 -8.60
N PHE A 173 28.85 7.20 -7.49
CA PHE A 173 30.29 7.37 -7.43
C PHE A 173 30.96 6.08 -6.95
N PHE A 174 31.99 5.65 -7.69
CA PHE A 174 32.60 4.36 -7.39
C PHE A 174 33.43 4.41 -6.11
N GLN A 175 34.13 5.52 -5.87
CA GLN A 175 35.17 5.50 -4.85
C GLN A 175 34.57 5.33 -3.45
N ASP A 176 33.46 6.00 -3.16
CA ASP A 176 32.90 5.97 -1.81
C ASP A 176 31.45 5.52 -1.76
N HIS A 177 30.86 5.12 -2.88
CA HIS A 177 29.48 4.62 -2.96
C HIS A 177 28.44 5.69 -2.69
N THR A 178 28.82 6.97 -2.73
CA THR A 178 27.83 8.03 -2.64
C THR A 178 27.10 8.16 -3.97
N LYS A 179 25.86 8.67 -3.92
CA LYS A 179 24.99 8.74 -5.08
C LYS A 179 24.12 9.99 -5.03
N LEU A 180 23.84 10.53 -6.21
CA LEU A 180 22.91 11.64 -6.39
C LEU A 180 21.76 11.18 -7.28
N ILE A 181 20.53 11.54 -6.91
CA ILE A 181 19.39 11.43 -7.81
C ILE A 181 18.82 12.83 -8.00
N LEU A 182 18.88 13.33 -9.23
CA LEU A 182 18.45 14.67 -9.60
C LEU A 182 17.13 14.56 -10.35
N CYS A 183 16.14 15.36 -9.94
CA CYS A 183 14.89 15.43 -10.70
C CYS A 183 14.67 16.88 -11.11
N PRO A 184 14.55 17.19 -12.39
CA PRO A 184 14.33 18.58 -12.80
C PRO A 184 12.88 19.05 -12.68
N LEU A 185 11.94 18.14 -12.37
CA LEU A 185 10.55 18.53 -12.12
C LEU A 185 10.35 18.94 -10.67
N MET A 186 10.85 18.14 -9.72
CA MET A 186 10.91 18.56 -8.32
C MET A 186 11.96 19.65 -8.08
N ALA A 187 12.90 19.82 -9.00
CA ALA A 187 14.06 20.70 -8.81
C ALA A 187 14.76 20.34 -7.50
N ALA A 188 15.05 19.06 -7.34
CA ALA A 188 15.52 18.49 -6.08
C ALA A 188 16.68 17.56 -6.36
N VAL A 189 17.50 17.35 -5.33
CA VAL A 189 18.58 16.37 -5.38
C VAL A 189 18.46 15.49 -4.16
N THR A 190 18.51 14.18 -4.37
CA THR A 190 18.58 13.21 -3.29
C THR A 190 20.03 12.77 -3.18
N TYR A 191 20.61 12.88 -1.99
CA TYR A 191 22.00 12.52 -1.77
C TYR A 191 22.08 11.35 -0.81
N ILE A 192 22.72 10.27 -1.26
CA ILE A 192 22.99 9.10 -0.44
C ILE A 192 24.47 9.13 -0.10
N ASP A 193 24.82 9.20 1.18
CA ASP A 193 26.22 9.33 1.50
C ASP A 193 26.84 7.96 1.66
N GLU A 194 28.14 7.94 1.95
CA GLU A 194 28.83 6.67 2.11
C GLU A 194 28.20 5.87 3.21
N LYS A 195 27.46 6.50 4.09
CA LYS A 195 27.13 5.63 5.17
C LYS A 195 25.71 5.08 4.99
N ARG A 196 25.10 5.39 3.84
CA ARG A 196 23.75 5.08 3.32
C ARG A 196 22.65 5.93 3.93
N ASP A 197 23.00 6.90 4.77
CA ASP A 197 22.05 7.95 5.10
C ASP A 197 21.67 8.70 3.84
N PHE A 198 20.43 9.19 3.80
CA PHE A 198 19.94 9.88 2.62
C PHE A 198 19.19 11.14 3.02
N ARG A 199 19.25 12.14 2.15
CA ARG A 199 18.49 13.36 2.31
C ARG A 199 18.11 13.84 0.92
N THR A 200 16.94 14.49 0.83
CA THR A 200 16.48 15.15 -0.38
C THR A 200 16.41 16.65 -0.11
N TYR A 201 17.01 17.45 -0.99
CA TYR A 201 17.04 18.90 -0.85
C TYR A 201 16.38 19.55 -2.04
N ARG A 202 15.65 20.65 -1.79
CA ARG A 202 15.22 21.53 -2.86
C ARG A 202 16.42 22.37 -3.30
N LEU A 203 16.78 22.31 -4.58
CA LEU A 203 18.03 22.95 -5.02
C LEU A 203 18.04 24.46 -4.77
N SER A 204 16.92 25.16 -5.04
CA SER A 204 16.87 26.59 -4.75
C SER A 204 17.22 26.88 -3.30
N LEU A 205 16.82 26.00 -2.36
CA LEU A 205 17.09 26.24 -0.95
C LEU A 205 18.53 25.95 -0.56
N LEU A 206 19.22 25.05 -1.26
CA LEU A 206 20.65 24.88 -1.03
C LEU A 206 21.39 26.16 -1.36
N GLU A 207 20.92 26.88 -2.40
CA GLU A 207 21.42 28.22 -2.69
C GLU A 207 21.33 29.15 -1.48
N GLU A 208 20.17 29.16 -0.81
CA GLU A 208 19.97 30.07 0.32
C GLU A 208 20.82 29.67 1.52
N TYR A 209 20.84 28.38 1.83
CA TYR A 209 21.36 27.93 3.12
C TYR A 209 22.74 27.31 3.03
N GLY A 210 23.20 26.93 1.84
CA GLY A 210 24.51 26.33 1.73
C GLY A 210 24.43 24.84 1.96
N CYS A 211 25.60 24.20 1.80
CA CYS A 211 25.75 22.77 2.04
C CYS A 211 27.24 22.49 2.27
N CYS A 212 27.55 21.24 2.62
CA CYS A 212 28.92 20.88 2.92
C CYS A 212 29.75 20.79 1.64
N LYS A 213 31.08 20.77 1.82
CA LYS A 213 31.97 20.67 0.66
C LYS A 213 31.75 19.38 -0.10
N GLU A 214 31.40 18.30 0.60
CA GLU A 214 31.16 17.02 -0.08
C GLU A 214 30.01 17.13 -1.08
N LEU A 215 28.86 17.62 -0.64
CA LEU A 215 27.73 17.73 -1.55
C LEU A 215 27.97 18.79 -2.62
N ALA A 216 28.58 19.92 -2.24
CA ALA A 216 28.89 20.95 -3.22
C ALA A 216 29.77 20.40 -4.34
N SER A 217 30.81 19.63 -3.97
CA SER A 217 31.70 19.05 -4.97
C SER A 217 30.97 18.10 -5.90
N ARG A 218 30.02 17.31 -5.36
CA ARG A 218 29.33 16.38 -6.24
C ARG A 218 28.33 17.10 -7.15
N LEU A 219 27.84 18.26 -6.72
CA LEU A 219 26.93 19.03 -7.58
C LEU A 219 27.68 19.73 -8.70
N ARG A 220 28.92 20.14 -8.46
CA ARG A 220 29.77 20.63 -9.54
C ARG A 220 30.00 19.53 -10.58
N TYR A 221 30.38 18.34 -10.13
CA TYR A 221 30.55 17.22 -11.05
C TYR A 221 29.25 16.90 -11.77
N ALA A 222 28.12 16.98 -11.08
CA ALA A 222 26.84 16.68 -11.72
C ALA A 222 26.55 17.64 -12.87
N ARG A 223 26.83 18.94 -12.69
CA ARG A 223 26.58 19.90 -13.76
C ARG A 223 27.36 19.55 -15.01
N THR A 224 28.64 19.19 -14.85
CA THR A 224 29.45 18.78 -15.98
C THR A 224 28.87 17.57 -16.68
N MET A 225 28.35 16.60 -15.90
CA MET A 225 27.79 15.39 -16.50
C MET A 225 26.52 15.69 -17.27
N VAL A 226 25.66 16.57 -16.73
CA VAL A 226 24.44 16.93 -17.42
C VAL A 226 24.74 17.67 -18.71
N ASP A 227 25.71 18.59 -18.68
CA ASP A 227 26.17 19.27 -19.90
C ASP A 227 26.62 18.27 -20.96
N LYS A 228 27.29 17.20 -20.51
CA LYS A 228 27.83 16.15 -21.37
C LYS A 228 26.65 15.41 -22.03
N LEU A 229 25.61 15.10 -21.23
CA LEU A 229 24.40 14.47 -21.76
C LEU A 229 23.72 15.34 -22.79
N LEU A 230 23.52 16.62 -22.47
CA LEU A 230 22.88 17.51 -23.41
C LEU A 230 23.71 17.65 -24.68
N SER A 231 25.04 17.76 -24.53
CA SER A 231 25.88 18.02 -25.70
C SER A 231 25.84 16.86 -26.71
N SER A 232 25.80 15.62 -26.22
CA SER A 232 25.67 14.48 -27.13
C SER A 232 24.28 14.34 -27.75
N ARG A 233 23.27 15.04 -27.25
CA ARG A 233 21.89 14.82 -27.71
C ARG A 233 21.72 15.47 -29.08
N GLU B 7 -19.63 -21.45 22.97
CA GLU B 7 -20.63 -22.52 22.99
C GLU B 7 -21.22 -22.77 21.60
N VAL B 8 -22.09 -21.87 21.16
CA VAL B 8 -22.58 -21.94 19.78
C VAL B 8 -21.64 -21.11 18.89
N VAL B 9 -20.47 -20.72 19.41
CA VAL B 9 -19.50 -19.98 18.59
C VAL B 9 -18.99 -20.86 17.46
N ASP B 10 -18.56 -22.07 17.80
CA ASP B 10 -18.07 -23.00 16.79
C ASP B 10 -19.19 -23.46 15.86
N CYS B 11 -20.38 -23.65 16.43
CA CYS B 11 -21.54 -24.01 15.62
C CYS B 11 -21.85 -22.93 14.58
N HIS B 12 -21.87 -21.67 15.01
CA HIS B 12 -22.19 -20.59 14.07
C HIS B 12 -21.09 -20.44 13.02
N LEU B 13 -19.83 -20.63 13.40
CA LEU B 13 -18.76 -20.61 12.40
C LEU B 13 -18.92 -21.75 11.40
N SER B 14 -19.26 -22.96 11.89
CA SER B 14 -19.48 -24.08 10.97
C SER B 14 -20.67 -23.84 10.05
N ASP B 15 -21.78 -23.34 10.60
CA ASP B 15 -22.94 -22.98 9.78
C ASP B 15 -22.54 -22.00 8.67
N MET B 16 -21.80 -20.95 9.03
CA MET B 16 -21.43 -19.95 8.03
C MET B 16 -20.54 -20.56 6.95
N LEU B 17 -19.59 -21.41 7.37
CA LEU B 17 -18.73 -22.06 6.38
C LEU B 17 -19.53 -22.96 5.45
N GLN B 18 -20.50 -23.71 5.99
CA GLN B 18 -21.41 -24.49 5.16
C GLN B 18 -22.16 -23.59 4.18
N GLN B 19 -22.69 -22.47 4.68
CA GLN B 19 -23.46 -21.57 3.83
C GLN B 19 -22.58 -21.00 2.72
N LEU B 20 -21.33 -20.64 3.04
CA LEU B 20 -20.44 -20.10 2.02
C LEU B 20 -20.01 -21.18 1.03
N HIS B 21 -19.66 -22.37 1.52
CA HIS B 21 -19.28 -23.45 0.61
C HIS B 21 -20.40 -23.74 -0.37
N SER B 22 -21.64 -23.76 0.11
CA SER B 22 -22.78 -24.06 -0.76
C SER B 22 -22.91 -23.01 -1.86
N VAL B 23 -22.83 -21.72 -1.52
CA VAL B 23 -22.94 -20.71 -2.56
C VAL B 23 -21.75 -20.79 -3.51
N ASN B 24 -20.53 -20.89 -2.97
CA ASN B 24 -19.35 -20.90 -3.81
C ASN B 24 -19.30 -22.11 -4.76
N ALA B 25 -19.80 -23.28 -4.31
CA ALA B 25 -19.85 -24.46 -5.19
C ALA B 25 -20.72 -24.24 -6.41
N SER B 26 -21.75 -23.42 -6.30
CA SER B 26 -22.65 -23.17 -7.41
C SER B 26 -22.09 -22.16 -8.41
N LYS B 27 -20.94 -21.56 -8.12
CA LYS B 27 -20.24 -20.66 -9.03
C LYS B 27 -21.20 -19.58 -9.53
N PRO B 28 -21.79 -18.79 -8.63
CA PRO B 28 -22.97 -17.99 -8.99
C PRO B 28 -22.69 -16.90 -10.01
N SER B 29 -21.45 -16.49 -10.22
CA SER B 29 -21.20 -15.45 -11.22
C SER B 29 -21.02 -16.02 -12.62
N GLU B 30 -21.03 -17.34 -12.78
CA GLU B 30 -20.79 -17.99 -14.07
C GLU B 30 -22.08 -18.54 -14.69
N ARG B 31 -23.24 -18.05 -14.27
CA ARG B 31 -24.49 -18.43 -14.90
C ARG B 31 -24.58 -17.74 -16.26
N GLY B 32 -25.55 -18.13 -17.07
CA GLY B 32 -25.63 -17.38 -18.31
C GLY B 32 -26.02 -15.94 -18.04
N LEU B 33 -27.21 -15.76 -17.48
CA LEU B 33 -27.74 -14.47 -17.08
C LEU B 33 -28.07 -14.59 -15.60
N VAL B 34 -27.52 -13.71 -14.83
CA VAL B 34 -27.65 -13.71 -13.37
C VAL B 34 -28.88 -12.91 -12.97
N ARG B 35 -29.56 -13.37 -11.92
CA ARG B 35 -30.77 -12.73 -11.44
C ARG B 35 -30.61 -12.32 -9.97
N GLN B 36 -29.60 -11.48 -9.71
CA GLN B 36 -29.21 -11.12 -8.35
C GLN B 36 -30.36 -10.52 -7.56
N GLU B 37 -31.15 -9.65 -8.19
CA GLU B 37 -32.22 -8.96 -7.49
C GLU B 37 -33.18 -9.93 -6.85
N GLU B 38 -33.29 -11.14 -7.41
CA GLU B 38 -34.18 -12.16 -6.90
C GLU B 38 -33.72 -12.71 -5.55
N ALA B 39 -32.46 -12.51 -5.18
CA ALA B 39 -31.98 -12.96 -3.87
C ALA B 39 -32.08 -11.89 -2.80
N GLU B 40 -32.46 -10.66 -3.17
CA GLU B 40 -32.52 -9.56 -2.22
C GLU B 40 -33.61 -9.80 -1.18
N ASP B 41 -33.31 -9.47 0.07
CA ASP B 41 -34.32 -9.46 1.12
C ASP B 41 -33.94 -8.38 2.12
N PRO B 42 -34.50 -7.18 2.00
CA PRO B 42 -34.14 -6.10 2.92
C PRO B 42 -34.49 -6.41 4.37
N ALA B 43 -35.44 -7.30 4.62
CA ALA B 43 -35.79 -7.64 6.00
C ALA B 43 -34.71 -8.45 6.71
N CYS B 44 -33.69 -8.92 5.98
CA CYS B 44 -32.61 -9.69 6.58
C CYS B 44 -31.44 -8.81 7.00
N ILE B 45 -31.56 -7.50 6.90
CA ILE B 45 -30.48 -6.58 7.28
C ILE B 45 -30.09 -6.87 8.73
N PRO B 46 -28.81 -6.82 9.10
CA PRO B 46 -28.42 -7.15 10.48
C PRO B 46 -28.96 -6.14 11.50
N ILE B 47 -29.03 -6.61 12.74
CA ILE B 47 -29.27 -5.70 13.85
C ILE B 47 -28.01 -4.89 14.14
N PHE B 48 -26.83 -5.52 14.02
CA PHE B 48 -25.57 -4.89 14.41
C PHE B 48 -24.50 -5.08 13.35
N TRP B 49 -23.65 -4.06 13.20
CA TRP B 49 -22.40 -4.20 12.46
C TRP B 49 -21.41 -3.21 13.04
N VAL B 50 -20.13 -3.39 12.71
CA VAL B 50 -19.09 -2.48 13.19
C VAL B 50 -19.04 -1.25 12.28
N SER B 51 -19.31 -0.08 12.83
CA SER B 51 -19.29 1.13 12.02
C SER B 51 -17.97 1.89 12.08
N LYS B 52 -17.17 1.72 13.14
CA LYS B 52 -15.86 2.35 13.22
C LYS B 52 -14.94 1.42 14.00
N TRP B 53 -13.63 1.53 13.75
CA TRP B 53 -12.71 0.72 14.55
C TRP B 53 -11.33 1.37 14.59
N VAL B 54 -10.58 1.08 15.65
CA VAL B 54 -9.24 1.63 15.87
C VAL B 54 -8.37 0.50 16.38
N ASP B 55 -7.38 0.10 15.58
CA ASP B 55 -6.42 -0.93 15.97
C ASP B 55 -5.26 -0.24 16.69
N TYR B 56 -5.30 -0.25 18.02
CA TYR B 56 -4.19 0.23 18.83
C TYR B 56 -3.62 -0.92 19.66
N SER B 57 -3.50 -2.10 19.03
CA SER B 57 -3.05 -3.30 19.73
C SER B 57 -1.58 -3.22 20.14
N ASP B 58 -0.81 -2.29 19.58
CA ASP B 58 0.55 -2.08 20.09
C ASP B 58 0.56 -1.58 21.52
N LYS B 59 -0.53 -1.00 22.01
CA LYS B 59 -0.57 -0.53 23.38
C LYS B 59 -1.75 -1.08 24.16
N TYR B 60 -2.96 -1.07 23.57
CA TYR B 60 -4.15 -1.34 24.36
C TYR B 60 -5.03 -2.44 23.78
N GLY B 61 -5.27 -2.39 22.48
CA GLY B 61 -6.19 -3.33 21.86
C GLY B 61 -6.98 -2.64 20.76
N LEU B 62 -8.16 -3.18 20.49
CA LEU B 62 -8.98 -2.76 19.35
C LEU B 62 -10.23 -2.08 19.91
N GLY B 63 -10.38 -0.78 19.66
CA GLY B 63 -11.61 -0.09 19.98
C GLY B 63 -12.53 -0.06 18.77
N TYR B 64 -13.84 -0.06 19.02
CA TYR B 64 -14.80 -0.08 17.92
C TYR B 64 -16.13 0.53 18.35
N GLN B 65 -16.90 0.93 17.36
CA GLN B 65 -18.27 1.37 17.54
C GLN B 65 -19.18 0.47 16.74
N LEU B 66 -20.33 0.13 17.30
CA LEU B 66 -21.38 -0.57 16.56
C LEU B 66 -22.37 0.46 16.03
N CYS B 67 -23.17 0.02 15.05
CA CYS B 67 -24.06 0.94 14.34
C CYS B 67 -25.10 1.61 15.24
N ASP B 68 -25.37 1.03 16.41
CA ASP B 68 -26.29 1.64 17.37
C ASP B 68 -25.62 2.70 18.26
N ASN B 69 -24.39 3.10 17.93
CA ASN B 69 -23.59 4.07 18.67
C ASN B 69 -23.12 3.55 20.02
N SER B 70 -23.30 2.27 20.32
CA SER B 70 -22.55 1.69 21.43
C SER B 70 -21.09 1.52 21.02
N VAL B 71 -20.20 1.51 22.01
CA VAL B 71 -18.77 1.37 21.75
C VAL B 71 -18.25 0.20 22.58
N GLY B 72 -17.12 -0.35 22.15
CA GLY B 72 -16.48 -1.43 22.88
C GLY B 72 -14.98 -1.42 22.65
N VAL B 73 -14.29 -2.21 23.47
CA VAL B 73 -12.86 -2.44 23.30
C VAL B 73 -12.60 -3.92 23.51
N LEU B 74 -11.81 -4.52 22.63
CA LEU B 74 -11.20 -5.83 22.88
C LEU B 74 -9.77 -5.55 23.32
N PHE B 75 -9.51 -5.68 24.63
CA PHE B 75 -8.17 -5.40 25.14
C PHE B 75 -7.22 -6.54 24.79
N ASN B 76 -5.92 -6.24 24.87
CA ASN B 76 -4.90 -7.22 24.52
C ASN B 76 -4.93 -8.45 25.43
N ASP B 77 -5.51 -8.34 26.62
CA ASP B 77 -5.67 -9.50 27.50
C ASP B 77 -6.92 -10.33 27.17
N SER B 78 -7.53 -10.10 26.02
CA SER B 78 -8.71 -10.80 25.52
C SER B 78 -9.97 -10.52 26.34
N THR B 79 -9.99 -9.50 27.19
CA THR B 79 -11.24 -9.10 27.83
C THR B 79 -11.90 -8.00 27.01
N ARG B 80 -13.20 -7.84 27.20
CA ARG B 80 -13.99 -6.86 26.46
C ARG B 80 -14.79 -6.00 27.42
N LEU B 81 -14.88 -4.71 27.08
CA LEU B 81 -15.73 -3.76 27.78
C LEU B 81 -16.63 -3.09 26.76
N ILE B 82 -17.92 -3.02 27.07
CA ILE B 82 -18.93 -2.43 26.20
C ILE B 82 -19.59 -1.28 26.92
N LEU B 83 -19.75 -0.16 26.23
CA LEU B 83 -20.55 0.96 26.72
C LEU B 83 -21.78 1.07 25.84
N TYR B 84 -22.95 0.81 26.42
CA TYR B 84 -24.20 0.88 25.69
C TYR B 84 -24.46 2.30 25.22
N ASN B 85 -25.43 2.45 24.33
CA ASN B 85 -25.62 3.75 23.72
C ASN B 85 -26.30 4.75 24.66
N ASP B 86 -26.66 4.35 25.87
CA ASP B 86 -27.09 5.32 26.88
C ASP B 86 -25.91 6.05 27.52
N GLY B 87 -24.68 5.71 27.13
CA GLY B 87 -23.50 6.34 27.69
C GLY B 87 -23.24 6.02 29.15
N ASP B 88 -23.95 5.03 29.72
CA ASP B 88 -23.81 4.82 31.15
C ASP B 88 -23.71 3.34 31.48
N SER B 89 -24.49 2.49 30.80
CA SER B 89 -24.49 1.06 31.11
C SER B 89 -23.25 0.40 30.50
N LEU B 90 -22.68 -0.54 31.25
CA LEU B 90 -21.49 -1.26 30.80
C LEU B 90 -21.68 -2.76 30.93
N GLN B 91 -20.97 -3.50 30.09
CA GLN B 91 -20.84 -4.94 30.21
C GLN B 91 -19.37 -5.29 30.07
N TYR B 92 -18.87 -6.11 30.99
CA TYR B 92 -17.50 -6.61 30.97
C TYR B 92 -17.53 -8.10 30.67
N ILE B 93 -16.70 -8.53 29.73
CA ILE B 93 -16.60 -9.95 29.37
C ILE B 93 -15.14 -10.38 29.51
N GLU B 94 -14.91 -11.39 30.35
CA GLU B 94 -13.57 -11.87 30.63
C GLU B 94 -13.09 -12.78 29.48
N ARG B 95 -11.78 -13.09 29.48
CA ARG B 95 -11.29 -14.08 28.53
C ARG B 95 -12.16 -15.30 28.60
N ASP B 96 -12.42 -15.73 29.84
CA ASP B 96 -13.34 -16.75 30.29
C ASP B 96 -14.68 -16.76 29.54
N GLY B 97 -15.09 -15.60 29.03
CA GLY B 97 -16.41 -15.42 28.47
C GLY B 97 -17.46 -15.05 29.50
N THR B 98 -17.10 -15.02 30.77
CA THR B 98 -18.01 -14.62 31.85
C THR B 98 -18.39 -13.14 31.72
N GLU B 99 -19.69 -12.87 31.79
CA GLU B 99 -20.22 -11.53 31.60
C GLU B 99 -20.66 -10.95 32.93
N SER B 100 -20.42 -9.65 33.13
CA SER B 100 -20.93 -8.97 34.31
C SER B 100 -21.44 -7.61 33.86
N TYR B 101 -22.39 -7.05 34.61
CA TYR B 101 -23.07 -5.81 34.20
C TYR B 101 -22.86 -4.73 35.26
N LEU B 102 -22.58 -3.51 34.80
CA LEU B 102 -22.21 -2.42 35.69
C LEU B 102 -22.53 -1.11 34.98
N THR B 103 -22.14 0.01 35.60
CA THR B 103 -22.36 1.33 35.03
C THR B 103 -21.11 2.18 35.23
N VAL B 104 -21.08 3.34 34.56
CA VAL B 104 -19.98 4.29 34.76
C VAL B 104 -20.02 4.90 36.16
N SER B 105 -21.17 4.90 36.83
CA SER B 105 -21.27 5.51 38.16
C SER B 105 -21.16 4.48 39.28
N SER B 106 -21.20 3.19 38.96
CA SER B 106 -21.06 2.13 39.98
C SER B 106 -20.31 1.00 39.30
N HIS B 107 -19.01 0.93 39.53
CA HIS B 107 -18.16 -0.03 38.84
C HIS B 107 -17.05 -0.43 39.81
N PRO B 108 -16.51 -1.64 39.66
CA PRO B 108 -15.42 -2.05 40.55
C PRO B 108 -14.19 -1.19 40.30
N ASN B 109 -13.41 -1.00 41.36
CA ASN B 109 -12.16 -0.28 41.21
C ASN B 109 -11.25 -0.95 40.17
N SER B 110 -11.32 -2.28 40.04
CA SER B 110 -10.43 -2.98 39.13
C SER B 110 -10.69 -2.67 37.66
N LEU B 111 -11.81 -2.04 37.32
CA LEU B 111 -12.14 -1.71 35.94
C LEU B 111 -11.93 -0.23 35.59
N MET B 112 -11.41 0.58 36.52
CA MET B 112 -11.30 2.01 36.29
C MET B 112 -10.40 2.30 35.10
N LYS B 113 -9.24 1.65 35.04
CA LYS B 113 -8.31 1.85 33.93
C LYS B 113 -8.96 1.50 32.59
N LYS B 114 -9.65 0.36 32.54
CA LYS B 114 -10.21 -0.07 31.27
C LYS B 114 -11.37 0.83 30.84
N ILE B 115 -12.14 1.34 31.81
CA ILE B 115 -13.19 2.32 31.49
C ILE B 115 -12.58 3.59 30.93
N THR B 116 -11.47 4.06 31.53
CA THR B 116 -10.82 5.25 30.99
C THR B 116 -10.33 5.03 29.57
N LEU B 117 -9.70 3.88 29.30
CA LEU B 117 -9.25 3.61 27.94
C LEU B 117 -10.41 3.62 26.95
N LEU B 118 -11.53 2.99 27.32
CA LEU B 118 -12.72 3.01 26.47
C LEU B 118 -13.19 4.44 26.20
N LYS B 119 -13.16 5.31 27.21
CA LYS B 119 -13.53 6.71 26.97
C LYS B 119 -12.58 7.36 25.99
N TYR B 120 -11.29 7.06 26.08
CA TYR B 120 -10.34 7.66 25.14
C TYR B 120 -10.58 7.13 23.73
N PHE B 121 -10.83 5.83 23.59
CA PHE B 121 -11.18 5.25 22.29
C PHE B 121 -12.45 5.88 21.75
N ARG B 122 -13.47 6.01 22.61
CA ARG B 122 -14.74 6.61 22.21
C ARG B 122 -14.55 8.00 21.66
N ASN B 123 -13.78 8.84 22.36
CA ASN B 123 -13.57 10.20 21.89
C ASN B 123 -12.88 10.19 20.54
N TYR B 124 -11.85 9.35 20.40
CA TYR B 124 -11.07 9.32 19.16
C TYR B 124 -11.96 8.99 17.97
N MET B 125 -12.81 7.98 18.09
CA MET B 125 -13.62 7.56 16.94
C MET B 125 -14.67 8.60 16.57
N SER B 126 -15.34 9.18 17.58
CA SER B 126 -16.31 10.24 17.31
C SER B 126 -15.69 11.40 16.57
N GLU B 127 -14.48 11.75 16.99
CA GLU B 127 -13.79 12.94 16.52
C GLU B 127 -13.15 12.72 15.14
N HIS B 128 -12.75 11.47 14.76
CA HIS B 128 -11.90 11.29 13.57
C HIS B 128 -12.50 10.40 12.50
N LEU B 129 -13.44 9.53 12.83
CA LEU B 129 -13.81 8.39 12.00
C LEU B 129 -15.21 8.52 11.44
N LEU B 130 -15.37 8.08 10.19
CA LEU B 130 -16.64 8.10 9.50
C LEU B 130 -17.45 6.87 9.89
N LYS B 131 -18.77 7.04 10.00
CA LYS B 131 -19.65 5.95 10.40
C LYS B 131 -20.01 5.10 9.18
N ALA B 132 -19.54 3.86 9.14
CA ALA B 132 -19.91 2.97 8.04
C ALA B 132 -21.38 2.53 8.15
N GLY B 133 -22.08 2.53 7.02
CA GLY B 133 -23.49 2.18 7.04
C GLY B 133 -24.40 3.23 7.65
N ALA B 134 -23.95 4.49 7.69
CA ALA B 134 -24.75 5.57 8.28
C ALA B 134 -26.08 5.76 7.57
N ASN B 135 -26.17 5.36 6.30
CA ASN B 135 -27.40 5.43 5.53
C ASN B 135 -28.25 4.18 5.64
N ILE B 136 -27.93 3.25 6.54
CA ILE B 136 -28.68 2.00 6.69
C ILE B 136 -29.43 2.01 8.01
N THR B 137 -30.74 1.73 7.96
CA THR B 137 -31.51 1.45 9.18
C THR B 137 -31.33 0.00 9.61
N PRO B 138 -30.74 -0.28 10.79
CA PRO B 138 -30.60 -1.67 11.22
C PRO B 138 -31.96 -2.31 11.51
N ARG B 139 -32.00 -3.66 11.42
CA ARG B 139 -33.18 -4.40 11.86
C ARG B 139 -33.45 -4.10 13.33
N GLU B 140 -34.72 -3.92 13.69
CA GLU B 140 -35.09 -3.87 15.09
C GLU B 140 -34.82 -5.21 15.76
N GLY B 141 -34.08 -5.18 16.85
CA GLY B 141 -33.89 -6.40 17.61
C GLY B 141 -35.11 -6.70 18.46
N ASP B 142 -35.25 -7.95 18.84
CA ASP B 142 -36.25 -8.32 19.82
C ASP B 142 -35.56 -9.09 20.92
N GLU B 143 -36.35 -9.56 21.88
CA GLU B 143 -35.80 -10.48 22.83
C GLU B 143 -35.43 -11.72 22.03
N LEU B 144 -34.34 -12.37 22.42
CA LEU B 144 -33.69 -13.47 21.69
C LEU B 144 -32.39 -12.98 21.06
N ALA B 145 -32.17 -11.66 20.99
CA ALA B 145 -31.05 -11.12 20.22
C ALA B 145 -29.79 -10.68 21.00
N ARG B 146 -29.89 -9.66 21.86
CA ARG B 146 -28.78 -9.15 22.69
C ARG B 146 -27.64 -8.42 21.96
N LEU B 147 -27.16 -7.33 22.57
CA LEU B 147 -26.01 -6.60 22.06
C LEU B 147 -24.75 -7.47 22.10
N PRO B 148 -24.05 -7.65 21.00
CA PRO B 148 -22.88 -8.53 20.99
C PRO B 148 -21.61 -7.77 21.37
N TYR B 149 -20.56 -8.53 21.68
CA TYR B 149 -19.21 -7.97 21.79
C TYR B 149 -18.33 -8.51 20.67
N LEU B 150 -17.19 -7.86 20.48
CA LEU B 150 -16.20 -8.31 19.50
C LEU B 150 -15.47 -9.52 20.08
N ARG B 151 -15.70 -10.69 19.48
CA ARG B 151 -15.02 -11.89 19.96
C ARG B 151 -13.55 -11.88 19.59
N THR B 152 -13.24 -11.60 18.33
CA THR B 152 -11.85 -11.48 17.92
C THR B 152 -11.80 -10.77 16.57
N TRP B 153 -10.59 -10.45 16.14
CA TRP B 153 -10.36 -9.76 14.87
C TRP B 153 -8.97 -10.11 14.36
N PHE B 154 -8.77 -9.94 13.05
CA PHE B 154 -7.44 -9.93 12.48
C PHE B 154 -7.46 -9.11 11.20
N ARG B 155 -6.27 -8.67 10.80
CA ARG B 155 -6.04 -7.94 9.56
C ARG B 155 -5.21 -8.79 8.63
N THR B 156 -5.63 -8.86 7.38
CA THR B 156 -4.75 -9.35 6.35
C THR B 156 -4.19 -8.16 5.57
N ARG B 157 -3.45 -8.51 4.55
CA ARG B 157 -3.04 -7.58 3.52
C ARG B 157 -4.19 -6.81 2.88
N SER B 158 -5.37 -7.39 2.76
CA SER B 158 -6.41 -6.72 2.00
C SER B 158 -7.63 -6.30 2.82
N ALA B 159 -7.75 -6.71 4.09
CA ALA B 159 -8.99 -6.50 4.81
C ALA B 159 -8.77 -6.64 6.31
N ILE B 160 -9.76 -6.18 7.06
CA ILE B 160 -9.87 -6.49 8.49
C ILE B 160 -11.10 -7.39 8.66
N ILE B 161 -10.94 -8.42 9.49
CA ILE B 161 -11.97 -9.41 9.72
C ILE B 161 -12.43 -9.25 11.16
N LEU B 162 -13.72 -9.04 11.36
CA LEU B 162 -14.30 -8.72 12.65
C LEU B 162 -15.34 -9.78 12.99
N HIS B 163 -15.16 -10.46 14.11
CA HIS B 163 -15.99 -11.62 14.48
C HIS B 163 -16.79 -11.26 15.73
N LEU B 164 -18.10 -11.14 15.57
CA LEU B 164 -18.93 -10.71 16.70
C LEU B 164 -19.48 -11.91 17.45
N SER B 165 -19.83 -11.66 18.71
CA SER B 165 -20.29 -12.73 19.58
C SER B 165 -21.71 -13.19 19.26
N ASN B 166 -22.43 -12.53 18.35
CA ASN B 166 -23.73 -13.05 17.92
C ASN B 166 -23.62 -13.92 16.69
N GLY B 167 -22.40 -14.30 16.29
CA GLY B 167 -22.17 -15.12 15.13
C GLY B 167 -21.84 -14.35 13.87
N SER B 168 -22.11 -13.04 13.84
CA SER B 168 -21.88 -12.26 12.63
C SER B 168 -20.38 -12.11 12.38
N VAL B 169 -20.01 -12.11 11.10
CA VAL B 169 -18.63 -11.87 10.67
C VAL B 169 -18.64 -10.71 9.68
N GLN B 170 -17.82 -9.70 9.93
CA GLN B 170 -17.71 -8.53 9.06
C GLN B 170 -16.32 -8.48 8.45
N ILE B 171 -16.26 -8.15 7.15
CA ILE B 171 -14.99 -8.04 6.45
C ILE B 171 -15.00 -6.70 5.71
N ASN B 172 -14.07 -5.81 6.09
CA ASN B 172 -13.92 -4.49 5.46
C ASN B 172 -12.67 -4.52 4.60
N PHE B 173 -12.81 -4.25 3.30
CA PHE B 173 -11.68 -4.29 2.39
C PHE B 173 -11.03 -2.92 2.30
N PHE B 174 -9.69 -2.90 2.40
CA PHE B 174 -8.97 -1.63 2.51
C PHE B 174 -8.95 -0.86 1.20
N GLN B 175 -8.73 -1.54 0.07
CA GLN B 175 -8.37 -0.81 -1.15
C GLN B 175 -9.56 -0.03 -1.70
N ASP B 176 -10.76 -0.62 -1.64
CA ASP B 176 -11.91 -0.01 -2.27
C ASP B 176 -13.06 0.29 -1.32
N HIS B 177 -12.89 0.02 -0.02
CA HIS B 177 -13.88 0.31 1.02
C HIS B 177 -15.16 -0.51 0.90
N THR B 178 -15.17 -1.60 0.14
CA THR B 178 -16.33 -2.47 0.15
C THR B 178 -16.33 -3.31 1.42
N LYS B 179 -17.52 -3.78 1.82
CA LYS B 179 -17.69 -4.47 3.09
C LYS B 179 -18.75 -5.56 2.99
N LEU B 180 -18.54 -6.65 3.72
CA LEU B 180 -19.49 -7.75 3.84
C LEU B 180 -19.89 -7.90 5.30
N ILE B 181 -21.17 -8.08 5.56
CA ILE B 181 -21.63 -8.49 6.88
C ILE B 181 -22.38 -9.80 6.70
N LEU B 182 -21.82 -10.88 7.27
CA LEU B 182 -22.39 -12.22 7.16
C LEU B 182 -23.05 -12.59 8.48
N CYS B 183 -24.28 -13.10 8.40
CA CYS B 183 -24.97 -13.63 9.56
C CYS B 183 -25.33 -15.08 9.32
N PRO B 184 -24.87 -16.02 10.15
CA PRO B 184 -25.19 -17.42 9.91
C PRO B 184 -26.58 -17.81 10.42
N LEU B 185 -27.25 -16.93 11.16
CA LEU B 185 -28.61 -17.20 11.60
C LEU B 185 -29.63 -16.79 10.54
N MET B 186 -29.48 -15.58 10.01
CA MET B 186 -30.20 -15.12 8.83
C MET B 186 -29.75 -15.86 7.59
N ALA B 187 -28.57 -16.49 7.63
CA ALA B 187 -27.94 -17.09 6.46
C ALA B 187 -27.93 -16.09 5.30
N ALA B 188 -27.39 -14.90 5.59
CA ALA B 188 -27.50 -13.74 4.72
C ALA B 188 -26.16 -13.04 4.65
N VAL B 189 -25.97 -12.24 3.59
CA VAL B 189 -24.82 -11.35 3.49
C VAL B 189 -25.32 -9.96 3.08
N THR B 190 -24.86 -8.96 3.79
CA THR B 190 -25.09 -7.57 3.42
C THR B 190 -23.81 -7.05 2.75
N TYR B 191 -23.94 -6.53 1.53
CA TYR B 191 -22.81 -6.04 0.76
C TYR B 191 -22.91 -4.54 0.61
N ILE B 192 -21.85 -3.83 1.01
CA ILE B 192 -21.72 -2.39 0.84
C ILE B 192 -20.68 -2.15 -0.24
N ASP B 193 -21.09 -1.51 -1.34
CA ASP B 193 -20.16 -1.37 -2.46
C ASP B 193 -19.39 -0.06 -2.35
N GLU B 194 -18.57 0.24 -3.37
CA GLU B 194 -17.71 1.41 -3.35
C GLU B 194 -18.48 2.70 -3.26
N LYS B 195 -19.73 2.69 -3.72
CA LYS B 195 -20.55 3.90 -3.69
C LYS B 195 -21.38 3.97 -2.42
N ARG B 196 -21.19 3.01 -1.50
CA ARG B 196 -21.86 2.91 -0.22
C ARG B 196 -23.32 2.50 -0.38
N ASP B 197 -23.73 2.15 -1.59
CA ASP B 197 -24.98 1.42 -1.76
C ASP B 197 -24.87 0.06 -1.06
N PHE B 198 -26.00 -0.42 -0.55
CA PHE B 198 -26.04 -1.65 0.21
C PHE B 198 -27.20 -2.51 -0.25
N ARG B 199 -27.01 -3.82 -0.17
CA ARG B 199 -28.03 -4.82 -0.46
C ARG B 199 -27.81 -5.97 0.49
N THR B 200 -28.90 -6.60 0.91
CA THR B 200 -28.82 -7.79 1.74
C THR B 200 -29.41 -8.97 0.96
N TYR B 201 -28.64 -10.06 0.88
CA TYR B 201 -29.05 -11.22 0.12
C TYR B 201 -29.11 -12.45 1.02
N ARG B 202 -30.14 -13.26 0.82
CA ARG B 202 -30.18 -14.58 1.38
C ARG B 202 -29.18 -15.45 0.62
N LEU B 203 -28.21 -16.03 1.34
CA LEU B 203 -27.18 -16.83 0.68
C LEU B 203 -27.82 -17.99 -0.08
N SER B 204 -28.88 -18.57 0.49
CA SER B 204 -29.65 -19.61 -0.20
C SER B 204 -30.02 -19.18 -1.60
N LEU B 205 -30.52 -17.95 -1.74
CA LEU B 205 -31.06 -17.48 -3.01
C LEU B 205 -29.96 -17.07 -3.98
N LEU B 206 -28.80 -16.65 -3.48
CA LEU B 206 -27.67 -16.44 -4.37
C LEU B 206 -27.28 -17.74 -5.09
N GLU B 207 -27.36 -18.89 -4.39
CA GLU B 207 -27.16 -20.18 -5.05
C GLU B 207 -28.09 -20.37 -6.24
N GLU B 208 -29.38 -20.10 -6.04
CA GLU B 208 -30.35 -20.39 -7.08
C GLU B 208 -30.26 -19.39 -8.22
N TYR B 209 -30.06 -18.12 -7.92
CA TYR B 209 -30.25 -17.04 -8.90
C TYR B 209 -28.97 -16.40 -9.43
N GLY B 210 -27.82 -16.63 -8.79
CA GLY B 210 -26.58 -16.04 -9.23
C GLY B 210 -26.31 -14.66 -8.67
N CYS B 211 -25.11 -14.15 -8.97
CA CYS B 211 -24.69 -12.82 -8.53
C CYS B 211 -23.52 -12.36 -9.40
N CYS B 212 -23.13 -11.10 -9.23
CA CYS B 212 -22.05 -10.53 -10.03
C CYS B 212 -20.68 -11.06 -9.59
N LYS B 213 -19.69 -10.84 -10.45
CA LYS B 213 -18.31 -11.23 -10.15
C LYS B 213 -17.80 -10.53 -8.90
N GLU B 214 -18.28 -9.30 -8.67
CA GLU B 214 -17.93 -8.48 -7.51
C GLU B 214 -18.21 -9.23 -6.22
N LEU B 215 -19.48 -9.59 -6.02
CA LEU B 215 -19.89 -10.25 -4.79
C LEU B 215 -19.35 -11.68 -4.73
N ALA B 216 -19.40 -12.41 -5.85
CA ALA B 216 -18.92 -13.79 -5.86
C ALA B 216 -17.47 -13.85 -5.39
N SER B 217 -16.62 -12.97 -5.92
CA SER B 217 -15.21 -12.97 -5.54
C SER B 217 -15.02 -12.70 -4.06
N ARG B 218 -15.82 -11.78 -3.50
CA ARG B 218 -15.64 -11.48 -2.09
C ARG B 218 -16.20 -12.58 -1.20
N LEU B 219 -17.17 -13.36 -1.71
CA LEU B 219 -17.70 -14.49 -0.95
C LEU B 219 -16.72 -15.65 -0.93
N ARG B 220 -15.95 -15.83 -2.00
CA ARG B 220 -14.85 -16.80 -1.96
C ARG B 220 -13.84 -16.41 -0.89
N TYR B 221 -13.45 -15.13 -0.89
CA TYR B 221 -12.51 -14.63 0.11
C TYR B 221 -13.06 -14.82 1.52
N ALA B 222 -14.36 -14.56 1.70
CA ALA B 222 -14.97 -14.71 3.03
C ALA B 222 -14.85 -16.14 3.52
N ARG B 223 -15.06 -17.13 2.64
CA ARG B 223 -14.94 -18.51 3.08
C ARG B 223 -13.54 -18.78 3.62
N THR B 224 -12.52 -18.26 2.93
CA THR B 224 -11.16 -18.42 3.42
C THR B 224 -10.98 -17.80 4.80
N MET B 225 -11.61 -16.65 5.04
CA MET B 225 -11.48 -15.99 6.33
C MET B 225 -12.19 -16.74 7.44
N VAL B 226 -13.37 -17.31 7.16
CA VAL B 226 -14.07 -18.11 8.16
C VAL B 226 -13.24 -19.34 8.53
N ASP B 227 -12.62 -19.99 7.53
CA ASP B 227 -11.69 -21.08 7.80
C ASP B 227 -10.54 -20.63 8.71
N LYS B 228 -10.08 -19.38 8.57
CA LYS B 228 -9.03 -18.91 9.49
C LYS B 228 -9.57 -18.76 10.91
N LEU B 229 -10.78 -18.20 11.06
CA LEU B 229 -11.40 -18.11 12.38
C LEU B 229 -11.55 -19.49 13.01
N LEU B 230 -12.04 -20.46 12.22
CA LEU B 230 -12.20 -21.82 12.73
C LEU B 230 -10.87 -22.42 13.15
N SER B 231 -9.85 -22.26 12.31
CA SER B 231 -8.54 -22.84 12.58
C SER B 231 -7.91 -22.23 13.82
N SER B 232 -8.22 -20.96 14.11
CA SER B 232 -7.63 -20.29 15.27
C SER B 232 -8.06 -20.94 16.58
N ARG B 233 -9.31 -21.34 16.67
CA ARG B 233 -9.89 -21.79 17.90
C ARG B 233 -10.11 -23.31 17.95
N ASN C 2 35.04 -7.84 -20.61
CA ASN C 2 34.52 -8.33 -19.33
C ASN C 2 33.18 -7.67 -18.98
N ILE C 3 32.91 -7.56 -17.69
CA ILE C 3 31.61 -7.10 -17.20
C ILE C 3 31.85 -6.22 -15.97
N PHE C 4 31.10 -5.11 -15.87
CA PHE C 4 31.18 -4.19 -14.75
C PHE C 4 29.80 -4.14 -14.11
N GLN C 5 29.74 -3.90 -12.81
CA GLN C 5 28.44 -3.95 -12.16
C GLN C 5 28.44 -3.09 -10.90
N SER C 6 27.23 -2.87 -10.40
CA SER C 6 27.06 -2.07 -9.19
C SER C 6 27.49 -2.89 -7.98
N TPO C 7 27.27 -2.34 -6.80
CA TPO C 7 27.83 -2.88 -5.56
CB TPO C 7 27.53 -1.92 -4.40
CG2 TPO C 7 27.90 -2.52 -3.05
OG1 TPO C 7 28.32 -0.74 -4.62
P TPO C 7 27.41 0.56 -4.98
O1P TPO C 7 26.40 0.91 -3.78
O2P TPO C 7 28.33 1.69 -5.25
O3P TPO C 7 26.59 0.33 -6.34
C TPO C 7 27.29 -4.28 -5.27
O TPO C 7 26.08 -4.52 -5.28
N MET C 8 28.21 -5.22 -5.04
CA MET C 8 27.80 -6.62 -4.85
C MET C 8 27.37 -6.91 -3.42
N LEU C 9 26.56 -7.95 -3.25
CA LEU C 9 26.21 -8.45 -1.91
C LEU C 9 27.47 -8.97 -1.24
N ASN D 2 2.13 3.66 14.87
CA ASN D 2 1.84 2.36 15.46
C ASN D 2 0.33 2.17 15.70
N ILE D 3 -0.49 2.85 14.91
CA ILE D 3 -1.95 2.84 15.08
C ILE D 3 -2.59 2.79 13.69
N PHE D 4 -3.63 1.96 13.56
CA PHE D 4 -4.40 1.78 12.34
C PHE D 4 -5.86 1.98 12.67
N GLN D 5 -6.64 2.43 11.69
CA GLN D 5 -8.04 2.73 11.95
C GLN D 5 -8.85 2.64 10.66
N SER D 6 -10.17 2.64 10.83
CA SER D 6 -11.11 2.59 9.73
C SER D 6 -11.13 3.95 9.05
N TPO D 7 -12.11 4.16 8.17
CA TPO D 7 -12.11 5.32 7.27
CB TPO D 7 -13.16 5.12 6.17
CG2 TPO D 7 -13.31 6.38 5.32
OG1 TPO D 7 -12.67 4.05 5.33
P TPO D 7 -13.56 2.69 5.47
O1P TPO D 7 -13.62 2.23 7.00
O2P TPO D 7 -15.06 2.93 4.98
O3P TPO D 7 -12.89 1.66 4.63
C TPO D 7 -12.33 6.65 8.02
O TPO D 7 -13.30 6.81 8.75
N MET D 8 -11.40 7.59 7.83
CA MET D 8 -11.43 8.88 8.54
C MET D 8 -12.46 9.85 7.95
N LEU D 9 -12.91 10.80 8.78
CA LEU D 9 -13.79 11.85 8.27
C LEU D 9 -13.11 12.73 7.24
N THR D 10 -11.79 12.92 7.35
CA THR D 10 -11.06 13.77 6.40
C THR D 10 -10.82 13.06 5.07
#